data_7FRP
#
_entry.id   7FRP
#
_cell.length_a   89.523
_cell.length_b   89.523
_cell.length_c   106.253
_cell.angle_alpha   90.000
_cell.angle_beta   90.000
_cell.angle_gamma   120.000
#
_symmetry.space_group_name_H-M   'P 31 2 1'
#
loop_
_entity.id
_entity.type
_entity.pdbx_description
1 polymer 'Tyrosine-protein phosphatase non-receptor type 1'
2 non-polymer 2-AMINO-2-HYDROXYMETHYL-PROPANE-1,3-DIOL
3 non-polymer '5-(2-methyl-1,3-thiazol-4-yl)thiophene-2-carboxylic acid'
4 water water
#
_entity_poly.entity_id   1
_entity_poly.type   'polypeptide(L)'
_entity_poly.pdbx_seq_one_letter_code
;MEMEKEFEQIDKSGSWAAIYQDIRHEASDFPSRVAKLPKNKNRNRYRDVSPFDHSRIKLHQEDNDYINASLIKMEEAQRS
YILTQGPLPNTVGHFWEMVWEQKSRGVVMLNRVMEKGSLKCAQYWPQKEEKEMIFEDTNLKLTLISEDIKSYYTVRQLEL
ENLTTQETREILHFHYTTWPDFGVPESPASFLNFLFKVRESGSLSPEHGPVVVHCSAGIGRSGTFCLADTCLLLMDKRKD
PSSVDIKKVLLEMRKFRMGLIQTADQLRFSYLAVIEGAKFIMGDSSVQDQWKELSHEDLEPPPEHIPPPPRPPKRILEPH
N
;
_entity_poly.pdbx_strand_id   A
#
loop_
_chem_comp.id
_chem_comp.type
_chem_comp.name
_chem_comp.formula
JL4 non-polymer '5-(2-methyl-1,3-thiazol-4-yl)thiophene-2-carboxylic acid' 'C9 H7 N O2 S2'
TRS non-polymer 2-AMINO-2-HYDROXYMETHYL-PROPANE-1,3-DIOL 'C4 H12 N O3 1'
#
# COMPACT_ATOMS: atom_id res chain seq x y z
N MET A 1 24.59 2.60 12.49
CA MET A 1 23.74 2.61 11.27
C MET A 1 24.64 2.46 10.03
N GLU A 2 24.98 1.24 9.61
CA GLU A 2 25.78 1.00 8.39
C GLU A 2 25.04 1.63 7.21
N MET A 3 23.73 1.41 7.09
CA MET A 3 22.85 2.02 6.06
C MET A 3 22.93 3.55 6.12
N GLU A 4 23.02 4.13 7.33
CA GLU A 4 23.16 5.61 7.49
C GLU A 4 24.52 6.04 6.92
N LYS A 5 25.48 5.11 6.81
CA LYS A 5 26.79 5.45 6.19
C LYS A 5 26.61 5.35 4.67
N GLU A 6 25.92 4.30 4.23
CA GLU A 6 25.52 4.13 2.81
C GLU A 6 24.70 5.36 2.40
N PHE A 7 23.84 5.88 3.28
CA PHE A 7 22.98 7.08 3.02
C PHE A 7 23.88 8.31 2.77
N GLU A 8 24.84 8.57 3.66
CA GLU A 8 25.73 9.76 3.57
C GLU A 8 26.55 9.66 2.27
N GLN A 9 27.06 8.47 1.96
CA GLN A 9 27.86 8.19 0.73
C GLN A 9 27.04 8.57 -0.48
N ILE A 10 25.85 7.98 -0.63
CA ILE A 10 25.00 8.21 -1.84
C ILE A 10 24.64 9.71 -1.87
N ASP A 11 24.33 10.28 -0.70
CA ASP A 11 23.89 11.70 -0.60
C ASP A 11 25.07 12.61 -0.99
N LYS A 12 26.22 12.48 -0.33
CA LYS A 12 27.45 13.27 -0.62
C LYS A 12 27.86 13.10 -2.08
N SER A 13 27.83 11.89 -2.63
CA SER A 13 28.18 11.61 -4.05
C SER A 13 27.03 11.92 -5.01
N GLY A 14 25.83 12.30 -4.51
CA GLY A 14 24.58 12.48 -5.29
C GLY A 14 24.26 11.33 -6.26
N SER A 15 24.35 10.08 -5.80
CA SER A 15 24.23 8.86 -6.65
C SER A 15 22.81 8.25 -6.62
N TRP A 16 21.79 8.96 -6.13
CA TRP A 16 20.42 8.38 -5.92
C TRP A 16 19.85 7.91 -7.25
N ALA A 17 19.90 8.74 -8.30
CA ALA A 17 19.41 8.39 -9.65
C ALA A 17 20.13 7.13 -10.14
N ALA A 18 21.41 6.96 -9.79
CA ALA A 18 22.24 5.81 -10.21
C ALA A 18 21.82 4.53 -9.48
N ILE A 19 21.76 4.55 -8.13
CA ILE A 19 21.25 3.42 -7.29
C ILE A 19 19.87 3.03 -7.84
N TYR A 20 19.02 4.02 -8.09
CA TYR A 20 17.61 3.76 -8.49
C TYR A 20 17.58 2.99 -9.81
N GLN A 21 18.40 3.39 -10.80
CA GLN A 21 18.50 2.73 -12.12
C GLN A 21 18.98 1.29 -11.96
N ASP A 22 19.94 1.00 -11.07
CA ASP A 22 20.41 -0.40 -10.87
C ASP A 22 19.26 -1.24 -10.32
N ILE A 23 18.42 -0.68 -9.45
CA ILE A 23 17.21 -1.40 -8.94
C ILE A 23 16.26 -1.67 -10.10
N ARG A 24 16.01 -0.67 -10.94
CA ARG A 24 15.14 -0.82 -12.13
C ARG A 24 15.65 -1.97 -13.01
N HIS A 25 16.97 -2.03 -13.21
N HIS A 25 16.97 -2.07 -13.20
CA HIS A 25 17.68 -3.02 -14.09
CA HIS A 25 17.58 -3.04 -14.14
C HIS A 25 17.51 -4.43 -13.52
C HIS A 25 17.59 -4.45 -13.54
N GLU A 26 17.71 -4.57 -12.21
CA GLU A 26 17.69 -5.89 -11.51
C GLU A 26 16.28 -6.41 -11.25
N ALA A 27 15.25 -5.57 -11.35
CA ALA A 27 13.86 -5.91 -10.96
C ALA A 27 13.34 -7.06 -11.81
N SER A 28 12.55 -7.92 -11.21
CA SER A 28 11.88 -9.09 -11.81
C SER A 28 10.91 -8.63 -12.88
N ASP A 29 10.67 -9.50 -13.84
CA ASP A 29 9.65 -9.28 -14.88
C ASP A 29 8.89 -10.59 -15.05
N PHE A 30 7.62 -10.61 -14.70
CA PHE A 30 6.78 -11.81 -14.77
C PHE A 30 5.63 -11.46 -15.68
N PRO A 31 5.01 -12.46 -16.30
CA PRO A 31 3.84 -12.24 -17.10
C PRO A 31 2.71 -11.57 -16.30
N SER A 32 2.00 -10.67 -16.98
N SER A 32 1.97 -10.72 -16.99
CA SER A 32 0.73 -10.02 -16.54
CA SER A 32 0.72 -10.05 -16.52
C SER A 32 -0.32 -10.19 -17.63
C SER A 32 -0.33 -10.20 -17.61
N ARG A 33 -0.60 -11.44 -18.01
CA ARG A 33 -1.52 -11.77 -19.14
C ARG A 33 -2.95 -11.43 -18.76
N VAL A 34 -3.37 -11.78 -17.55
CA VAL A 34 -4.79 -11.55 -17.18
C VAL A 34 -5.09 -10.04 -17.24
N ALA A 35 -4.18 -9.18 -16.76
CA ALA A 35 -4.36 -7.72 -16.70
C ALA A 35 -4.60 -7.17 -18.12
N LYS A 36 -3.98 -7.79 -19.14
CA LYS A 36 -3.95 -7.25 -20.52
C LYS A 36 -5.10 -7.80 -21.37
N LEU A 37 -5.93 -8.70 -20.87
CA LEU A 37 -7.14 -9.16 -21.60
C LEU A 37 -8.02 -7.94 -21.87
N PRO A 38 -8.60 -7.85 -23.09
CA PRO A 38 -9.41 -6.71 -23.50
C PRO A 38 -10.63 -6.45 -22.58
N LYS A 39 -11.23 -7.50 -22.06
CA LYS A 39 -12.36 -7.38 -21.12
C LYS A 39 -11.92 -6.76 -19.77
N ASN A 40 -10.62 -6.54 -19.52
CA ASN A 40 -10.13 -6.00 -18.22
C ASN A 40 -9.61 -4.59 -18.44
N LYS A 41 -9.77 -4.04 -19.64
CA LYS A 41 -9.14 -2.75 -19.98
C LYS A 41 -9.69 -1.64 -19.07
N ASN A 42 -10.98 -1.64 -18.79
CA ASN A 42 -11.59 -0.58 -17.96
C ASN A 42 -11.46 -0.94 -16.46
N ARG A 43 -10.72 -2.00 -16.09
CA ARG A 43 -10.49 -2.33 -14.66
C ARG A 43 -9.13 -1.84 -14.24
N ASN A 44 -8.37 -1.23 -15.15
CA ASN A 44 -7.01 -0.71 -14.88
C ASN A 44 -6.97 0.79 -15.02
N ARG A 45 -6.44 1.48 -14.03
CA ARG A 45 -6.35 2.95 -14.04
C ARG A 45 -5.26 3.34 -15.02
N TYR A 46 -4.12 2.64 -15.04
CA TYR A 46 -2.93 2.99 -15.86
C TYR A 46 -2.57 1.76 -16.69
N ARG A 47 -2.37 1.94 -17.99
CA ARG A 47 -2.13 0.82 -18.93
C ARG A 47 -0.75 0.20 -18.66
N ASP A 48 0.20 0.94 -18.07
CA ASP A 48 1.58 0.44 -17.81
C ASP A 48 1.74 -0.07 -16.34
N VAL A 49 0.66 -0.19 -15.56
CA VAL A 49 0.75 -0.72 -14.19
C VAL A 49 -0.21 -1.88 -14.05
N SER A 50 0.37 -3.07 -13.97
CA SER A 50 -0.37 -4.33 -14.00
C SER A 50 0.15 -5.22 -12.89
N PRO A 51 -0.74 -5.98 -12.26
CA PRO A 51 -0.34 -7.05 -11.36
C PRO A 51 0.24 -8.21 -12.20
N PHE A 52 1.28 -8.84 -11.69
CA PHE A 52 1.77 -10.13 -12.21
C PHE A 52 0.68 -11.17 -12.03
N ASP A 53 0.57 -12.13 -12.96
CA ASP A 53 -0.41 -13.23 -12.80
C ASP A 53 -0.14 -14.03 -11.51
N HIS A 54 1.11 -14.28 -11.16
CA HIS A 54 1.40 -15.26 -10.08
C HIS A 54 0.95 -14.69 -8.71
N SER A 55 0.95 -13.38 -8.54
CA SER A 55 0.69 -12.78 -7.20
C SER A 55 -0.63 -11.99 -7.21
N ARG A 56 -1.42 -12.06 -8.28
CA ARG A 56 -2.62 -11.17 -8.39
C ARG A 56 -3.69 -11.67 -7.44
N ILE A 57 -4.48 -10.75 -6.86
CA ILE A 57 -5.65 -11.11 -6.03
C ILE A 57 -6.80 -11.49 -6.96
N LYS A 58 -7.42 -12.61 -6.70
CA LYS A 58 -8.58 -13.04 -7.49
C LYS A 58 -9.86 -12.78 -6.70
N LEU A 59 -10.80 -12.10 -7.32
CA LEU A 59 -12.16 -11.97 -6.76
C LEU A 59 -12.85 -13.34 -6.88
N HIS A 60 -13.65 -13.71 -5.88
CA HIS A 60 -14.53 -14.93 -5.89
C HIS A 60 -15.86 -14.64 -6.61
N GLN A 61 -15.86 -14.19 -7.86
CA GLN A 61 -17.07 -14.00 -8.71
C GLN A 61 -16.76 -14.76 -10.01
N GLU A 62 -17.70 -15.57 -10.50
CA GLU A 62 -17.46 -16.55 -11.60
C GLU A 62 -17.21 -15.81 -12.92
N ASP A 63 -17.92 -14.70 -13.10
CA ASP A 63 -17.92 -13.88 -14.33
C ASP A 63 -16.49 -13.43 -14.67
N ASN A 64 -15.91 -12.56 -13.84
CA ASN A 64 -14.59 -11.92 -14.08
C ASN A 64 -13.91 -11.77 -12.72
N ASP A 65 -12.82 -12.50 -12.49
CA ASP A 65 -12.15 -12.53 -11.16
C ASP A 65 -11.14 -11.38 -11.05
N TYR A 66 -11.06 -10.48 -12.01
CA TYR A 66 -9.88 -9.59 -12.09
C TYR A 66 -10.06 -8.28 -11.27
N ILE A 67 -9.01 -7.95 -10.50
CA ILE A 67 -8.82 -6.61 -9.90
C ILE A 67 -7.33 -6.32 -10.01
N ASN A 68 -7.01 -5.05 -10.20
CA ASN A 68 -5.64 -4.59 -10.16
C ASN A 68 -5.17 -4.53 -8.71
N ALA A 69 -4.68 -5.66 -8.21
CA ALA A 69 -4.23 -5.83 -6.84
C ALA A 69 -3.25 -7.00 -6.79
N SER A 70 -2.23 -6.86 -5.95
CA SER A 70 -1.15 -7.86 -5.78
C SER A 70 -1.02 -8.19 -4.27
N LEU A 71 -0.75 -9.45 -3.98
CA LEU A 71 -0.35 -9.91 -2.63
C LEU A 71 1.17 -9.89 -2.54
N ILE A 72 1.73 -9.06 -1.65
N ILE A 72 1.71 -9.00 -1.70
CA ILE A 72 3.18 -9.01 -1.31
CA ILE A 72 3.14 -8.99 -1.29
C ILE A 72 3.40 -9.78 -0.01
C ILE A 72 3.24 -9.90 -0.06
N LYS A 73 4.08 -10.94 -0.11
CA LYS A 73 4.29 -11.87 1.03
C LYS A 73 5.74 -11.75 1.45
N MET A 74 6.03 -11.20 2.65
CA MET A 74 7.41 -11.05 3.14
C MET A 74 7.58 -12.15 4.22
N GLU A 75 8.04 -13.29 3.75
CA GLU A 75 8.16 -14.57 4.49
C GLU A 75 8.91 -14.37 5.81
N GLU A 76 10.11 -13.82 5.75
CA GLU A 76 10.97 -13.63 6.96
C GLU A 76 10.31 -12.67 7.95
N ALA A 77 9.64 -11.61 7.47
CA ALA A 77 9.03 -10.59 8.37
C ALA A 77 7.66 -11.08 8.87
N GLN A 78 7.10 -12.10 8.22
CA GLN A 78 5.77 -12.67 8.53
C GLN A 78 4.72 -11.54 8.35
N ARG A 79 4.87 -10.74 7.29
CA ARG A 79 3.94 -9.63 6.98
C ARG A 79 3.47 -9.88 5.56
N SER A 80 2.17 -9.72 5.32
N SER A 80 2.18 -9.66 5.30
CA SER A 80 1.58 -9.68 3.97
CA SER A 80 1.60 -9.69 3.94
C SER A 80 0.95 -8.29 3.77
C SER A 80 0.77 -8.43 3.72
N TYR A 81 0.86 -7.86 2.52
CA TYR A 81 0.16 -6.61 2.15
C TYR A 81 -0.52 -6.85 0.83
N ILE A 82 -1.71 -6.29 0.65
CA ILE A 82 -2.32 -6.19 -0.69
C ILE A 82 -2.02 -4.77 -1.13
N LEU A 83 -1.36 -4.62 -2.27
CA LEU A 83 -1.19 -3.28 -2.88
C LEU A 83 -2.13 -3.20 -4.07
N THR A 84 -2.86 -2.10 -4.20
CA THR A 84 -3.87 -1.96 -5.25
C THR A 84 -3.86 -0.49 -5.71
N GLN A 85 -4.48 -0.27 -6.84
CA GLN A 85 -4.67 1.08 -7.38
C GLN A 85 -5.82 1.76 -6.63
N GLY A 86 -5.90 3.07 -6.72
CA GLY A 86 -7.09 3.79 -6.24
C GLY A 86 -8.26 3.29 -7.07
N PRO A 87 -9.38 2.87 -6.46
CA PRO A 87 -10.49 2.37 -7.23
C PRO A 87 -11.01 3.40 -8.25
N LEU A 88 -11.50 2.86 -9.33
CA LEU A 88 -12.20 3.57 -10.41
C LEU A 88 -13.69 3.60 -10.09
N PRO A 89 -14.45 4.50 -10.72
CA PRO A 89 -15.90 4.56 -10.56
C PRO A 89 -16.53 3.19 -10.73
N ASN A 90 -16.04 2.40 -11.67
CA ASN A 90 -16.66 1.09 -11.97
C ASN A 90 -16.02 -0.02 -11.14
N THR A 91 -14.99 0.24 -10.30
CA THR A 91 -14.37 -0.88 -9.53
C THR A 91 -14.56 -0.72 -8.02
N VAL A 92 -15.32 0.29 -7.57
CA VAL A 92 -15.50 0.50 -6.11
C VAL A 92 -16.11 -0.75 -5.49
N GLY A 93 -17.05 -1.38 -6.17
CA GLY A 93 -17.68 -2.63 -5.68
C GLY A 93 -16.69 -3.77 -5.59
N HIS A 94 -15.82 -3.89 -6.58
CA HIS A 94 -14.76 -4.95 -6.61
C HIS A 94 -13.80 -4.73 -5.44
N PHE A 95 -13.47 -3.46 -5.18
CA PHE A 95 -12.52 -3.10 -4.11
C PHE A 95 -13.06 -3.65 -2.79
N TRP A 96 -14.33 -3.38 -2.48
CA TRP A 96 -14.89 -3.76 -1.17
C TRP A 96 -15.11 -5.27 -1.13
N GLU A 97 -15.43 -5.87 -2.27
CA GLU A 97 -15.54 -7.35 -2.35
C GLU A 97 -14.17 -7.95 -1.96
N MET A 98 -13.07 -7.41 -2.48
CA MET A 98 -11.73 -7.90 -2.15
C MET A 98 -11.48 -7.76 -0.66
N VAL A 99 -11.78 -6.59 -0.08
CA VAL A 99 -11.60 -6.37 1.38
C VAL A 99 -12.37 -7.47 2.17
N TRP A 100 -13.58 -7.73 1.76
CA TRP A 100 -14.44 -8.71 2.42
C TRP A 100 -13.79 -10.10 2.28
N GLU A 101 -13.49 -10.49 1.04
CA GLU A 101 -13.01 -11.87 0.73
C GLU A 101 -11.66 -12.15 1.40
N GLN A 102 -10.76 -11.17 1.47
CA GLN A 102 -9.41 -11.35 2.04
C GLN A 102 -9.39 -11.17 3.57
N LYS A 103 -10.49 -10.76 4.22
CA LYS A 103 -10.60 -10.61 5.69
C LYS A 103 -9.71 -9.51 6.22
N SER A 104 -9.42 -8.52 5.38
CA SER A 104 -8.64 -7.36 5.78
C SER A 104 -9.37 -6.61 6.90
N ARG A 105 -8.58 -6.10 7.84
N ARG A 105 -8.59 -6.01 7.80
CA ARG A 105 -9.02 -5.24 8.97
CA ARG A 105 -9.08 -5.23 8.95
C ARG A 105 -8.93 -3.78 8.52
C ARG A 105 -8.81 -3.73 8.70
N GLY A 106 -7.84 -3.42 7.85
CA GLY A 106 -7.45 -2.03 7.59
C GLY A 106 -7.28 -1.76 6.11
N VAL A 107 -7.58 -0.52 5.74
CA VAL A 107 -7.30 0.09 4.41
C VAL A 107 -6.44 1.30 4.66
N VAL A 108 -5.27 1.36 4.01
CA VAL A 108 -4.33 2.48 4.10
C VAL A 108 -4.37 3.25 2.77
N MET A 109 -4.74 4.51 2.83
CA MET A 109 -4.86 5.37 1.64
C MET A 109 -3.83 6.48 1.73
N LEU A 110 -2.96 6.63 0.73
CA LEU A 110 -1.82 7.55 0.83
C LEU A 110 -1.97 8.72 -0.16
N ASN A 111 -3.14 8.90 -0.72
CA ASN A 111 -3.38 9.97 -1.72
C ASN A 111 -4.63 10.74 -1.31
N ARG A 112 -4.84 11.90 -1.93
CA ARG A 112 -6.11 12.65 -1.87
C ARG A 112 -6.88 12.26 -3.11
N VAL A 113 -8.19 12.40 -3.06
CA VAL A 113 -9.07 12.07 -4.20
C VAL A 113 -8.70 12.98 -5.39
N MET A 114 -8.35 14.22 -5.09
CA MET A 114 -7.95 15.15 -6.19
C MET A 114 -6.53 15.59 -5.88
N GLU A 115 -5.63 15.39 -6.84
CA GLU A 115 -4.28 15.98 -6.70
C GLU A 115 -3.90 16.57 -8.06
N LYS A 116 -3.17 17.68 -8.05
CA LYS A 116 -2.75 18.33 -9.32
C LYS A 116 -3.96 18.58 -10.22
N GLY A 117 -5.12 18.92 -9.65
CA GLY A 117 -6.35 19.22 -10.40
C GLY A 117 -7.00 18.08 -11.14
N SER A 118 -6.62 16.82 -10.91
CA SER A 118 -7.22 15.64 -11.57
C SER A 118 -7.64 14.60 -10.50
N LEU A 119 -8.53 13.72 -10.85
CA LEU A 119 -9.06 12.76 -9.85
C LEU A 119 -8.10 11.58 -9.85
N LYS A 120 -7.62 11.20 -8.69
CA LYS A 120 -6.60 10.13 -8.53
C LYS A 120 -7.27 8.83 -8.05
N CYS A 121 -8.54 8.92 -7.67
CA CYS A 121 -9.28 7.88 -6.95
C CYS A 121 -10.77 8.24 -6.95
N ALA A 122 -11.65 7.27 -7.06
CA ALA A 122 -13.08 7.44 -6.76
C ALA A 122 -13.25 7.62 -5.24
N GLN A 123 -14.25 8.37 -4.88
CA GLN A 123 -14.72 8.56 -3.49
C GLN A 123 -15.37 7.24 -3.11
N TYR A 124 -14.70 6.30 -2.43
CA TYR A 124 -15.21 4.92 -2.30
C TYR A 124 -15.72 4.65 -0.87
N TRP A 125 -15.78 5.69 -0.02
CA TRP A 125 -16.34 5.55 1.35
C TRP A 125 -17.30 6.71 1.62
N PRO A 126 -18.25 6.53 2.56
CA PRO A 126 -19.31 7.52 2.80
C PRO A 126 -18.75 8.73 3.54
N GLN A 127 -19.29 9.90 3.26
CA GLN A 127 -18.82 11.17 3.85
C GLN A 127 -19.62 11.50 5.11
N LYS A 128 -20.76 10.87 5.28
CA LYS A 128 -21.64 11.17 6.44
C LYS A 128 -22.22 9.89 7.00
N GLU A 129 -22.36 9.84 8.32
CA GLU A 129 -22.96 8.69 9.04
C GLU A 129 -24.27 8.28 8.40
N GLU A 130 -25.15 9.25 8.08
CA GLU A 130 -26.56 8.93 7.75
C GLU A 130 -26.70 8.64 6.24
N LYS A 131 -25.60 8.69 5.48
CA LYS A 131 -25.67 8.43 4.01
C LYS A 131 -24.75 7.26 3.65
N GLU A 132 -25.23 6.05 3.87
CA GLU A 132 -24.43 4.83 3.64
C GLU A 132 -24.32 4.57 2.13
N MET A 133 -23.42 3.68 1.71
CA MET A 133 -23.23 3.34 0.27
C MET A 133 -23.59 1.90 0.09
N ILE A 134 -24.33 1.62 -0.98
CA ILE A 134 -24.72 0.23 -1.35
C ILE A 134 -24.03 -0.03 -2.69
N PHE A 135 -23.30 -1.12 -2.79
CA PHE A 135 -22.64 -1.57 -4.04
C PHE A 135 -23.51 -2.70 -4.52
N GLU A 136 -24.38 -2.40 -5.48
CA GLU A 136 -25.39 -3.38 -5.99
C GLU A 136 -24.67 -4.53 -6.68
N ASP A 137 -23.61 -4.26 -7.44
CA ASP A 137 -22.89 -5.30 -8.21
C ASP A 137 -22.33 -6.34 -7.24
N THR A 138 -21.87 -5.99 -6.02
CA THR A 138 -21.20 -6.99 -5.14
C THR A 138 -21.98 -7.22 -3.86
N ASN A 139 -23.13 -6.57 -3.69
CA ASN A 139 -24.08 -6.92 -2.61
C ASN A 139 -23.49 -6.58 -1.24
N LEU A 140 -22.91 -5.40 -1.14
CA LEU A 140 -22.24 -4.94 0.10
C LEU A 140 -22.82 -3.57 0.47
N LYS A 141 -22.90 -3.32 1.76
CA LYS A 141 -23.28 -2.01 2.28
C LYS A 141 -22.17 -1.53 3.17
N LEU A 142 -21.88 -0.25 3.06
CA LEU A 142 -20.77 0.38 3.81
C LEU A 142 -21.32 1.63 4.52
N THR A 143 -21.08 1.71 5.82
CA THR A 143 -21.53 2.82 6.69
C THR A 143 -20.35 3.46 7.39
N LEU A 144 -20.30 4.77 7.39
CA LEU A 144 -19.36 5.50 8.23
C LEU A 144 -19.88 5.49 9.68
N ILE A 145 -19.05 5.03 10.60
CA ILE A 145 -19.38 4.89 12.04
C ILE A 145 -18.82 6.10 12.76
N SER A 146 -17.56 6.43 12.53
CA SER A 146 -16.91 7.58 13.16
C SER A 146 -15.72 7.99 12.31
N GLU A 147 -15.28 9.21 12.53
CA GLU A 147 -14.20 9.86 11.77
C GLU A 147 -13.40 10.68 12.77
N ASP A 148 -12.09 10.52 12.79
CA ASP A 148 -11.20 11.27 13.69
C ASP A 148 -10.19 11.97 12.80
N ILE A 149 -10.33 13.29 12.65
CA ILE A 149 -9.51 14.12 11.73
C ILE A 149 -8.38 14.72 12.53
N LYS A 150 -7.14 14.42 12.17
CA LYS A 150 -5.93 15.00 12.77
C LYS A 150 -5.23 15.80 11.68
N SER A 151 -4.17 16.48 12.06
CA SER A 151 -3.39 17.40 11.19
C SER A 151 -2.95 16.67 9.91
N TYR A 152 -2.36 15.48 10.05
CA TYR A 152 -1.56 14.81 8.99
C TYR A 152 -2.35 13.62 8.42
N TYR A 153 -3.36 13.15 9.13
CA TYR A 153 -4.13 11.95 8.74
C TYR A 153 -5.50 11.94 9.41
N THR A 154 -6.37 11.14 8.84
CA THR A 154 -7.75 10.88 9.29
C THR A 154 -7.88 9.37 9.48
N VAL A 155 -8.51 8.96 10.56
CA VAL A 155 -8.86 7.56 10.80
C VAL A 155 -10.36 7.47 10.79
N ARG A 156 -10.89 6.56 10.04
CA ARG A 156 -12.34 6.33 9.99
C ARG A 156 -12.63 4.89 10.39
N GLN A 157 -13.65 4.71 11.22
N GLN A 157 -13.77 4.73 11.05
CA GLN A 157 -14.28 3.39 11.48
CA GLN A 157 -14.32 3.43 11.48
C GLN A 157 -15.43 3.22 10.50
C GLN A 157 -15.53 3.14 10.59
N LEU A 158 -15.46 2.08 9.80
CA LEU A 158 -16.47 1.77 8.80
C LEU A 158 -17.08 0.45 9.21
N GLU A 159 -18.34 0.25 8.87
CA GLU A 159 -18.98 -1.05 8.99
C GLU A 159 -19.26 -1.51 7.57
N LEU A 160 -18.77 -2.70 7.27
CA LEU A 160 -19.03 -3.36 5.98
C LEU A 160 -19.99 -4.50 6.26
N GLU A 161 -21.06 -4.56 5.50
CA GLU A 161 -22.10 -5.57 5.70
C GLU A 161 -22.27 -6.34 4.41
N ASN A 162 -22.18 -7.65 4.52
CA ASN A 162 -22.46 -8.57 3.41
C ASN A 162 -23.97 -8.74 3.33
N LEU A 163 -24.62 -8.13 2.35
CA LEU A 163 -26.11 -8.08 2.31
C LEU A 163 -26.62 -9.50 2.06
N THR A 164 -25.78 -10.37 1.50
CA THR A 164 -26.14 -11.77 1.12
C THR A 164 -26.28 -12.62 2.39
N THR A 165 -25.44 -12.41 3.40
CA THR A 165 -25.35 -13.25 4.62
C THR A 165 -25.64 -12.42 5.88
N GLN A 166 -25.80 -11.11 5.73
CA GLN A 166 -26.04 -10.18 6.87
C GLN A 166 -24.90 -10.23 7.88
N GLU A 167 -23.72 -10.77 7.56
CA GLU A 167 -22.55 -10.59 8.46
C GLU A 167 -22.02 -9.16 8.33
N THR A 168 -21.44 -8.63 9.40
CA THR A 168 -20.85 -7.28 9.42
C THR A 168 -19.45 -7.39 9.99
N ARG A 169 -18.58 -6.51 9.51
CA ARG A 169 -17.23 -6.36 10.04
C ARG A 169 -16.92 -4.89 10.17
N GLU A 170 -16.08 -4.59 11.12
CA GLU A 170 -15.52 -3.26 11.29
C GLU A 170 -14.23 -3.18 10.46
N ILE A 171 -14.11 -2.17 9.62
CA ILE A 171 -12.91 -1.87 8.82
C ILE A 171 -12.38 -0.52 9.30
N LEU A 172 -11.08 -0.41 9.50
CA LEU A 172 -10.43 0.86 9.81
C LEU A 172 -9.82 1.45 8.54
N HIS A 173 -10.13 2.69 8.25
CA HIS A 173 -9.59 3.44 7.10
C HIS A 173 -8.58 4.46 7.61
N PHE A 174 -7.32 4.29 7.23
CA PHE A 174 -6.22 5.18 7.62
C PHE A 174 -5.89 6.00 6.40
N HIS A 175 -6.11 7.30 6.48
CA HIS A 175 -6.00 8.19 5.30
C HIS A 175 -4.91 9.19 5.60
N TYR A 176 -3.73 9.03 4.99
CA TYR A 176 -2.64 10.00 5.12
C TYR A 176 -2.93 11.14 4.14
N THR A 177 -3.15 12.34 4.64
CA THR A 177 -3.79 13.43 3.85
C THR A 177 -2.77 14.48 3.43
N THR A 178 -1.51 14.39 3.82
CA THR A 178 -0.54 15.51 3.67
C THR A 178 0.65 15.15 2.81
N TRP A 179 0.56 14.06 2.05
CA TRP A 179 1.69 13.79 1.14
C TRP A 179 1.64 14.90 0.08
N PRO A 180 2.74 15.62 -0.18
CA PRO A 180 2.65 16.76 -1.10
C PRO A 180 2.38 16.32 -2.54
N ASP A 181 1.69 17.18 -3.31
CA ASP A 181 1.39 16.98 -4.76
C ASP A 181 2.68 16.63 -5.51
N PHE A 182 3.81 17.28 -5.20
CA PHE A 182 5.11 17.03 -5.87
C PHE A 182 6.15 16.58 -4.83
N GLY A 183 6.98 15.61 -5.20
CA GLY A 183 8.12 15.21 -4.36
C GLY A 183 7.66 14.39 -3.16
N VAL A 184 8.36 14.50 -2.03
CA VAL A 184 8.12 13.62 -0.85
C VAL A 184 8.09 14.56 0.33
N PRO A 185 7.56 14.16 1.50
CA PRO A 185 7.68 15.01 2.70
C PRO A 185 9.14 15.35 3.03
N GLU A 186 9.36 16.58 3.54
CA GLU A 186 10.71 17.07 3.97
C GLU A 186 11.23 16.16 5.08
N SER A 187 10.38 15.84 6.05
CA SER A 187 10.70 15.00 7.23
C SER A 187 9.84 13.73 7.25
N PRO A 188 10.38 12.56 7.62
CA PRO A 188 9.57 11.36 7.77
C PRO A 188 8.83 11.22 9.10
N ALA A 189 8.90 12.23 9.96
CA ALA A 189 8.28 12.16 11.30
C ALA A 189 6.79 11.88 11.15
N SER A 190 6.03 12.61 10.32
CA SER A 190 4.56 12.39 10.36
C SER A 190 4.22 11.05 9.68
N PHE A 191 5.00 10.66 8.71
CA PHE A 191 4.82 9.36 8.02
C PHE A 191 5.06 8.21 9.02
N LEU A 192 6.11 8.29 9.84
CA LEU A 192 6.40 7.25 10.87
C LEU A 192 5.30 7.20 11.90
N ASN A 193 4.86 8.37 12.39
N ASN A 193 4.82 8.34 12.39
CA ASN A 193 3.73 8.48 13.35
CA ASN A 193 3.73 8.36 13.40
C ASN A 193 2.51 7.74 12.79
C ASN A 193 2.47 7.71 12.79
N PHE A 194 2.19 7.99 11.52
CA PHE A 194 1.09 7.33 10.80
C PHE A 194 1.33 5.82 10.75
N LEU A 195 2.51 5.40 10.33
CA LEU A 195 2.83 3.93 10.25
C LEU A 195 2.65 3.28 11.63
N PHE A 196 3.10 3.91 12.71
CA PHE A 196 2.93 3.35 14.10
C PHE A 196 1.48 3.33 14.50
N LYS A 197 0.69 4.29 14.04
CA LYS A 197 -0.76 4.25 14.29
C LYS A 197 -1.40 3.06 13.60
N VAL A 198 -1.00 2.79 12.35
CA VAL A 198 -1.57 1.61 11.67
C VAL A 198 -1.20 0.35 12.47
N ARG A 199 0.05 0.24 12.83
CA ARG A 199 0.52 -0.97 13.57
C ARG A 199 -0.27 -1.13 14.87
N GLU A 200 -0.41 -0.04 15.62
CA GLU A 200 -1.13 -0.06 16.93
C GLU A 200 -2.55 -0.53 16.78
N SER A 201 -3.19 -0.36 15.63
CA SER A 201 -4.61 -0.72 15.43
C SER A 201 -4.79 -2.23 15.35
N GLY A 202 -3.73 -2.98 15.10
CA GLY A 202 -3.82 -4.43 14.84
C GLY A 202 -4.03 -4.78 13.39
N SER A 203 -4.13 -3.80 12.48
CA SER A 203 -4.46 -4.04 11.06
C SER A 203 -3.37 -4.86 10.34
N LEU A 204 -2.13 -4.83 10.85
CA LEU A 204 -0.96 -5.48 10.20
C LEU A 204 -0.65 -6.82 10.88
N SER A 205 -1.52 -7.26 11.76
CA SER A 205 -1.23 -8.43 12.60
C SER A 205 -1.74 -9.70 11.92
N PRO A 206 -1.07 -10.85 12.16
CA PRO A 206 -1.39 -12.08 11.45
C PRO A 206 -2.76 -12.71 11.75
N GLU A 207 -3.45 -12.23 12.77
N GLU A 207 -3.47 -12.21 12.76
CA GLU A 207 -4.83 -12.65 13.10
CA GLU A 207 -4.84 -12.66 13.12
C GLU A 207 -5.77 -12.27 11.94
C GLU A 207 -5.89 -12.02 12.19
N HIS A 208 -5.45 -11.18 11.23
CA HIS A 208 -6.34 -10.64 10.18
C HIS A 208 -5.77 -10.97 8.80
N GLY A 209 -6.60 -10.84 7.78
CA GLY A 209 -6.15 -10.84 6.39
C GLY A 209 -5.22 -9.66 6.18
N PRO A 210 -4.54 -9.65 5.02
CA PRO A 210 -3.57 -8.60 4.76
C PRO A 210 -4.26 -7.23 4.69
N VAL A 211 -3.55 -6.27 5.16
CA VAL A 211 -3.90 -4.84 5.00
C VAL A 211 -3.97 -4.51 3.50
N VAL A 212 -4.95 -3.69 3.11
CA VAL A 212 -5.02 -3.12 1.74
C VAL A 212 -4.36 -1.77 1.75
N VAL A 213 -3.36 -1.59 0.89
CA VAL A 213 -2.62 -0.31 0.79
C VAL A 213 -2.82 0.21 -0.64
N HIS A 214 -3.13 1.49 -0.79
CA HIS A 214 -3.24 2.09 -2.14
C HIS A 214 -2.81 3.55 -2.12
N CYS A 215 -2.41 4.01 -3.29
CA CYS A 215 -2.27 5.43 -3.63
C CYS A 215 -3.05 5.54 -4.95
N SER A 216 -2.53 6.23 -5.97
N SER A 216 -2.50 6.27 -5.92
CA SER A 216 -3.24 6.20 -7.26
CA SER A 216 -3.06 6.34 -7.29
C SER A 216 -2.91 4.87 -7.96
C SER A 216 -2.88 4.95 -7.93
N ALA A 217 -1.62 4.63 -8.26
CA ALA A 217 -1.24 3.43 -9.06
C ALA A 217 -1.04 2.22 -8.13
N GLY A 218 -0.85 2.43 -6.84
CA GLY A 218 -0.45 1.33 -5.92
C GLY A 218 0.99 0.88 -6.06
N ILE A 219 1.94 1.77 -6.42
CA ILE A 219 3.36 1.33 -6.54
C ILE A 219 4.29 2.31 -5.87
N GLY A 220 3.99 3.61 -5.84
CA GLY A 220 4.96 4.62 -5.39
C GLY A 220 4.90 4.84 -3.89
N ARG A 221 3.99 5.70 -3.45
CA ARG A 221 3.80 5.95 -2.00
C ARG A 221 3.48 4.63 -1.28
N SER A 222 2.66 3.78 -1.90
CA SER A 222 2.25 2.46 -1.33
C SER A 222 3.50 1.61 -1.10
N GLY A 223 4.38 1.59 -2.08
CA GLY A 223 5.71 0.96 -1.99
C GLY A 223 6.52 1.42 -0.80
N THR A 224 6.59 2.75 -0.58
N THR A 224 6.59 2.75 -0.56
CA THR A 224 7.33 3.38 0.54
CA THR A 224 7.37 3.34 0.55
C THR A 224 6.77 2.90 1.88
C THR A 224 6.77 2.86 1.89
N PHE A 225 5.45 2.81 1.97
CA PHE A 225 4.76 2.36 3.20
C PHE A 225 5.24 0.96 3.57
N CYS A 226 5.11 -0.02 2.66
N CYS A 226 5.10 0.01 2.63
CA CYS A 226 5.39 -1.44 3.02
CA CYS A 226 5.39 -1.42 2.89
C CYS A 226 6.90 -1.71 3.04
C CYS A 226 6.90 -1.60 3.12
N LEU A 227 7.72 -0.95 2.30
CA LEU A 227 9.17 -1.06 2.42
C LEU A 227 9.62 -0.62 3.84
N ALA A 228 9.13 0.52 4.35
CA ALA A 228 9.55 1.01 5.68
C ALA A 228 9.05 0.03 6.73
N ASP A 229 7.79 -0.39 6.68
CA ASP A 229 7.26 -1.33 7.69
C ASP A 229 8.12 -2.61 7.76
N THR A 230 8.32 -3.27 6.61
CA THR A 230 9.05 -4.55 6.54
C THR A 230 10.49 -4.37 7.05
N CYS A 231 11.20 -3.35 6.59
CA CYS A 231 12.58 -3.08 7.04
C CYS A 231 12.66 -2.91 8.57
N LEU A 232 11.75 -2.15 9.16
CA LEU A 232 11.78 -1.93 10.63
C LEU A 232 11.47 -3.23 11.39
N LEU A 233 10.56 -4.03 10.85
CA LEU A 233 10.16 -5.33 11.44
C LEU A 233 11.38 -6.28 11.44
N LEU A 234 12.12 -6.32 10.32
CA LEU A 234 13.31 -7.20 10.16
C LEU A 234 14.40 -6.79 11.16
N MET A 235 14.58 -5.48 11.35
CA MET A 235 15.54 -4.91 12.32
C MET A 235 15.22 -5.44 13.73
N ASP A 236 13.94 -5.56 14.04
CA ASP A 236 13.45 -6.02 15.36
C ASP A 236 13.68 -7.51 15.52
N LYS A 237 13.47 -8.27 14.44
CA LYS A 237 13.53 -9.75 14.49
C LYS A 237 15.00 -10.13 14.61
N ARG A 238 15.88 -9.45 13.88
CA ARG A 238 17.22 -9.99 13.53
C ARG A 238 18.22 -9.86 14.69
N LYS A 239 19.03 -10.91 14.79
CA LYS A 239 20.20 -11.05 15.71
C LYS A 239 21.27 -10.08 15.22
N ASP A 240 21.38 -9.91 13.89
CA ASP A 240 22.26 -8.91 13.23
C ASP A 240 21.38 -7.90 12.47
N PRO A 241 20.85 -6.86 13.14
CA PRO A 241 19.98 -5.87 12.48
C PRO A 241 20.64 -5.12 11.31
N SER A 242 21.95 -4.90 11.38
CA SER A 242 22.75 -4.14 10.38
C SER A 242 22.75 -4.90 9.05
N SER A 243 22.52 -6.21 9.08
CA SER A 243 22.48 -7.10 7.89
C SER A 243 21.33 -6.66 6.98
N VAL A 244 20.45 -5.78 7.48
CA VAL A 244 19.22 -5.31 6.78
C VAL A 244 19.61 -4.40 5.61
N ASP A 245 19.37 -4.86 4.38
CA ASP A 245 19.72 -4.11 3.15
C ASP A 245 18.40 -3.69 2.47
N ILE A 246 18.10 -2.39 2.50
CA ILE A 246 16.85 -1.79 1.92
C ILE A 246 16.71 -2.22 0.45
N LYS A 247 17.82 -2.20 -0.30
CA LYS A 247 17.83 -2.49 -1.75
C LYS A 247 17.40 -3.92 -1.97
N LYS A 248 17.88 -4.83 -1.15
CA LYS A 248 17.50 -6.27 -1.27
C LYS A 248 16.03 -6.44 -0.93
N VAL A 249 15.56 -5.80 0.14
CA VAL A 249 14.14 -5.93 0.55
C VAL A 249 13.26 -5.41 -0.60
N LEU A 250 13.61 -4.27 -1.15
CA LEU A 250 12.84 -3.68 -2.28
C LEU A 250 12.78 -4.66 -3.44
N LEU A 251 13.91 -5.27 -3.80
CA LEU A 251 13.94 -6.22 -4.95
C LEU A 251 13.08 -7.42 -4.66
N GLU A 252 13.09 -7.90 -3.41
N GLU A 252 13.08 -7.91 -3.41
CA GLU A 252 12.22 -9.03 -2.99
CA GLU A 252 12.15 -9.01 -3.04
C GLU A 252 10.75 -8.63 -3.16
C GLU A 252 10.72 -8.55 -3.29
N MET A 253 10.41 -7.38 -2.82
N MET A 253 10.31 -7.37 -2.77
CA MET A 253 9.00 -6.90 -2.88
CA MET A 253 8.91 -6.91 -2.90
C MET A 253 8.60 -6.75 -4.35
C MET A 253 8.57 -6.76 -4.38
N ARG A 254 9.54 -6.31 -5.19
CA ARG A 254 9.33 -6.17 -6.65
C ARG A 254 9.12 -7.52 -7.36
N LYS A 255 9.35 -8.65 -6.69
CA LYS A 255 8.96 -9.95 -7.31
C LYS A 255 7.45 -10.05 -7.34
N PHE A 256 6.75 -9.29 -6.48
CA PHE A 256 5.30 -9.48 -6.29
C PHE A 256 4.47 -8.40 -6.98
N ARG A 257 5.03 -7.23 -7.14
CA ARG A 257 4.37 -6.16 -7.90
C ARG A 257 5.42 -5.25 -8.49
N MET A 258 5.21 -4.90 -9.76
CA MET A 258 6.19 -4.11 -10.52
C MET A 258 6.24 -2.68 -9.97
N GLY A 259 7.40 -2.06 -10.10
CA GLY A 259 7.56 -0.62 -10.06
C GLY A 259 7.46 -0.02 -8.69
N LEU A 260 7.48 -0.83 -7.63
CA LEU A 260 7.39 -0.28 -6.26
C LEU A 260 8.54 0.69 -6.04
N ILE A 261 8.22 1.90 -5.58
CA ILE A 261 9.15 3.05 -5.45
C ILE A 261 9.38 3.58 -6.86
N GLN A 262 8.77 4.72 -7.16
N GLN A 262 8.80 4.73 -7.18
CA GLN A 262 8.62 5.27 -8.54
CA GLN A 262 8.64 5.23 -8.58
C GLN A 262 9.77 6.22 -8.89
C GLN A 262 9.63 6.37 -8.89
N THR A 263 10.37 6.87 -7.88
CA THR A 263 11.38 7.91 -8.10
C THR A 263 12.55 7.69 -7.15
N ALA A 264 13.70 8.26 -7.52
CA ALA A 264 14.93 8.27 -6.71
C ALA A 264 14.66 9.02 -5.42
N ASP A 265 13.76 10.00 -5.43
CA ASP A 265 13.36 10.74 -4.23
C ASP A 265 12.57 9.84 -3.26
N GLN A 266 11.66 9.03 -3.76
CA GLN A 266 10.95 8.07 -2.86
C GLN A 266 11.94 7.09 -2.24
N LEU A 267 12.95 6.65 -3.00
CA LEU A 267 13.98 5.73 -2.48
C LEU A 267 14.76 6.44 -1.37
N ARG A 268 15.25 7.66 -1.60
CA ARG A 268 15.94 8.43 -0.54
C ARG A 268 15.05 8.58 0.70
N PHE A 269 13.79 8.98 0.52
CA PHE A 269 12.78 9.09 1.59
C PHE A 269 12.63 7.76 2.37
N SER A 270 12.60 6.63 1.67
CA SER A 270 12.49 5.30 2.30
C SER A 270 13.68 5.06 3.22
N TYR A 271 14.88 5.38 2.76
CA TYR A 271 16.09 5.23 3.60
C TYR A 271 15.95 6.08 4.86
N LEU A 272 15.59 7.37 4.69
N LEU A 272 15.56 7.35 4.69
CA LEU A 272 15.40 8.35 5.79
CA LEU A 272 15.40 8.34 5.78
C LEU A 272 14.36 7.83 6.78
C LEU A 272 14.34 7.85 6.79
N ALA A 273 13.24 7.29 6.29
CA ALA A 273 12.15 6.81 7.17
C ALA A 273 12.68 5.65 8.03
N VAL A 274 13.39 4.73 7.39
CA VAL A 274 13.89 3.51 8.07
C VAL A 274 14.95 3.94 9.09
N ILE A 275 15.87 4.81 8.69
CA ILE A 275 16.97 5.28 9.58
C ILE A 275 16.36 5.96 10.81
N GLU A 276 15.40 6.86 10.63
CA GLU A 276 14.77 7.57 11.76
C GLU A 276 13.92 6.59 12.56
N GLY A 277 13.21 5.68 11.91
CA GLY A 277 12.36 4.73 12.65
C GLY A 277 13.18 3.81 13.55
N ALA A 278 14.38 3.45 13.10
CA ALA A 278 15.33 2.59 13.87
C ALA A 278 15.76 3.34 15.14
N LYS A 279 15.92 4.67 15.05
CA LYS A 279 16.27 5.56 16.20
C LYS A 279 15.11 5.59 17.21
N PHE A 280 13.86 5.43 16.76
CA PHE A 280 12.64 5.43 17.61
C PHE A 280 12.74 4.26 18.60
N ILE A 281 13.14 3.07 18.11
CA ILE A 281 13.32 1.81 18.91
C ILE A 281 14.36 2.05 20.03
N MET A 282 15.33 2.92 19.79
CA MET A 282 16.42 3.29 20.75
C MET A 282 16.21 4.73 21.22
C TRS B . 3.52 -17.94 -6.47
C1 TRS B . 2.94 -18.94 -5.45
C2 TRS B . 3.91 -16.61 -5.81
C3 TRS B . 2.55 -17.75 -7.64
N TRS B . 4.77 -18.55 -7.05
O1 TRS B . 3.87 -19.25 -4.42
O2 TRS B . 2.88 -15.65 -5.70
O3 TRS B . 1.29 -18.37 -7.46
H11 TRS B . 2.69 -19.76 -5.91
H12 TRS B . 2.14 -18.55 -5.04
H21 TRS B . 4.64 -16.21 -6.33
H22 TRS B . 4.26 -16.79 -4.92
H31 TRS B . 2.96 -18.10 -8.45
H32 TRS B . 2.42 -16.79 -7.76
HN1 TRS B . 4.68 -18.72 -7.94
HN2 TRS B . 4.97 -19.34 -6.64
HN3 TRS B . 5.48 -17.99 -6.95
HO1 TRS B . 3.49 -19.75 -3.85
HO2 TRS B . 3.21 -14.95 -5.34
HO3 TRS B . 0.80 -17.85 -6.96
C10 JL4 C . 22.40 -0.77 12.87
C01 JL4 C . 18.78 -3.01 18.70
C02 JL4 C . 18.68 -2.33 17.34
N03 JL4 C . 19.70 -2.06 16.56
C04 JL4 C . 19.48 -1.46 15.41
C05 JL4 C . 18.16 -1.17 15.11
S06 JL4 C . 17.28 -1.76 16.48
C07 JL4 C . 20.58 -1.19 14.60
C08 JL4 C . 21.85 -1.00 15.11
C09 JL4 C . 22.83 -0.75 14.18
S11 JL4 C . 20.70 -1.08 12.88
C12 JL4 C . 23.33 -0.53 11.69
O13 JL4 C . 24.54 -0.27 11.94
O14 JL4 C . 22.91 -0.58 10.50
H013 JL4 C . 19.16 -4.04 18.57
H011 JL4 C . 17.79 -3.04 19.18
H012 JL4 C . 19.48 -2.45 19.34
H051 JL4 C . 17.77 -0.69 14.22
H081 JL4 C . 22.06 -1.01 16.17
H091 JL4 C . 23.87 -0.58 14.45
#